data_3HOL
#
_entry.id   3HOL
#
_cell.length_a   35.360
_cell.length_b   96.807
_cell.length_c   143.298
_cell.angle_alpha   90.00
_cell.angle_beta   90.00
_cell.angle_gamma   90.00
#
_symmetry.space_group_name_H-M   'P 21 21 21'
#
loop_
_entity.id
_entity.type
_entity.pdbx_description
1 polymer TbpB
2 water water
#
_entity_poly.entity_id   1
_entity_poly.type   'polypeptide(L)'
_entity_poly.pdbx_seq_one_letter_code
;GVSKEEYKDVETAKKEKEQLGELMEPALGYVVKVPVSSFENKKVDISDIEVITNGNLDDVPYKANSSKYNYPDIKTKDSS
LQYVRSGYVIDGEHSGSNEKGYVYYKGNSPAKELPVNQLLTYTGSWDFTSNANLNNEEGRPNYLNDDYYTKFIGKRVGLV
SGDAKPAKHKYTSQFEVDFATKKMTGKLSDKEKTIYTVNADIRGNRFTGAATASDKNKGKGESYNFFSADSQSLEGGFYG
PKAEEMAGKFVANDKSLFAVFSAKHNGSNVDTVRIIDASKIDLTNFSISELNNFGDASVLIIDGKKIKLAGSGFTNKHTI
EINGKTMVAVACCSNLEYMKFGQLWQQAEGGKPENNSLFLQGERTATDKMPKGGNYKYIGTWDAQVSKENNWVATADDDR
KAGYRTEFDVDFGNKNLSGKLFDKNGVNPVFTVDPKIDGNGFTGKAKTSDAGFALDSGSSRYENVKFNDVAVSGGFYGPT
AAELGGQFHHKSENGSVGAVFGAKQQVKK
;
_entity_poly.pdbx_strand_id   A
#
# COMPACT_ATOMS: atom_id res chain seq x y z
N GLU A 5 21.73 -7.49 33.79
CA GLU A 5 20.44 -7.49 33.02
C GLU A 5 20.45 -8.59 31.93
N GLU A 6 21.44 -8.58 31.02
CA GLU A 6 22.54 -7.60 30.96
C GLU A 6 22.46 -6.64 29.74
N TYR A 7 21.32 -6.70 29.04
CA TYR A 7 21.07 -5.90 27.84
C TYR A 7 19.83 -5.03 28.00
N LYS A 8 19.78 -3.92 27.26
CA LYS A 8 18.58 -3.07 27.21
C LYS A 8 18.40 -2.50 25.80
N ASP A 9 17.14 -2.25 25.42
CA ASP A 9 16.81 -1.65 24.12
C ASP A 9 17.71 -0.46 23.93
N VAL A 10 18.33 -0.37 22.76
CA VAL A 10 19.00 0.85 22.35
C VAL A 10 18.00 2.02 22.30
N GLU A 11 18.42 3.19 22.77
CA GLU A 11 17.60 4.40 22.68
C GLU A 11 17.65 4.92 21.28
N THR A 12 16.48 5.11 20.70
CA THR A 12 16.36 5.49 19.32
C THR A 12 15.30 6.58 19.26
N ALA A 13 15.53 7.62 18.46
CA ALA A 13 14.51 8.61 18.15
C ALA A 13 13.15 7.95 17.82
N LYS A 14 12.06 8.52 18.27
CA LYS A 14 10.77 7.93 17.92
C LYS A 14 10.40 8.35 16.49
N LYS A 15 9.62 7.52 15.79
CA LYS A 15 9.21 7.82 14.42
C LYS A 15 8.42 9.12 14.45
N GLU A 16 8.79 10.08 13.61
CA GLU A 16 8.07 11.36 13.62
C GLU A 16 6.65 11.14 13.15
N LYS A 17 5.69 11.38 14.04
CA LYS A 17 4.30 11.20 13.67
C LYS A 17 3.98 12.12 12.50
N GLU A 18 3.13 11.66 11.61
CA GLU A 18 2.79 12.41 10.42
C GLU A 18 1.27 12.44 10.32
N GLN A 19 0.73 13.54 9.79
CA GLN A 19 -0.67 13.62 9.40
C GLN A 19 -0.65 14.10 7.94
N LEU A 20 -1.09 13.23 7.04
CA LEU A 20 -1.22 13.62 5.63
C LEU A 20 -2.48 14.46 5.47
N GLY A 21 -2.43 15.42 4.56
CA GLY A 21 -3.61 16.23 4.23
C GLY A 21 -4.79 15.36 3.81
N GLU A 22 -6.00 15.93 3.90
CA GLU A 22 -7.24 15.21 3.55
C GLU A 22 -7.21 14.58 2.13
N LEU A 23 -6.52 15.19 1.18
CA LEU A 23 -6.50 14.66 -0.19
C LEU A 23 -5.30 13.75 -0.43
N MET A 24 -4.54 13.52 0.63
CA MET A 24 -3.22 12.94 0.46
C MET A 24 -3.07 11.52 1.03
N GLU A 25 -4.17 10.93 1.48
CA GLU A 25 -4.16 9.57 2.03
C GLU A 25 -4.02 8.56 0.88
N PRO A 26 -3.18 7.51 1.06
CA PRO A 26 -3.03 6.49 0.05
C PRO A 26 -4.27 5.61 0.00
N ALA A 27 -4.61 5.09 -1.18
CA ALA A 27 -5.71 4.11 -1.28
C ALA A 27 -5.50 3.27 -2.54
N LEU A 28 -6.21 2.14 -2.70
CA LEU A 28 -6.07 1.41 -3.96
C LEU A 28 -6.45 2.32 -5.11
N GLY A 29 -7.46 3.17 -4.86
CA GLY A 29 -7.97 4.05 -5.93
C GLY A 29 -8.95 5.06 -5.40
N TYR A 30 -9.38 5.98 -6.29
CA TYR A 30 -10.38 6.98 -5.96
C TYR A 30 -11.31 7.21 -7.13
N VAL A 31 -12.53 7.67 -6.83
CA VAL A 31 -13.51 7.96 -7.90
C VAL A 31 -14.35 9.18 -7.52
N VAL A 32 -14.67 10.02 -8.49
CA VAL A 32 -15.52 11.17 -8.24
C VAL A 32 -16.63 11.26 -9.27
N LYS A 33 -17.78 11.77 -8.80
CA LYS A 33 -18.90 12.14 -9.68
C LYS A 33 -18.65 13.44 -10.43
N VAL A 34 -19.04 13.43 -11.71
CA VAL A 34 -18.92 14.63 -12.55
C VAL A 34 -19.96 15.64 -11.95
N PRO A 35 -19.53 16.86 -11.59
CA PRO A 35 -20.44 17.85 -11.02
C PRO A 35 -21.50 18.33 -12.01
N VAL A 36 -22.66 18.64 -11.48
CA VAL A 36 -23.79 19.19 -12.24
C VAL A 36 -24.33 20.40 -11.45
N SER A 37 -24.45 21.53 -12.11
CA SER A 37 -24.93 22.75 -11.48
C SER A 37 -26.37 23.01 -11.94
N SER A 38 -26.93 24.18 -11.57
CA SER A 38 -28.30 24.55 -11.95
C SER A 38 -28.43 26.06 -11.85
N PHE A 39 -29.56 26.59 -12.36
CA PHE A 39 -29.83 28.03 -12.28
C PHE A 39 -29.76 28.57 -10.84
N GLU A 40 -30.24 27.76 -9.89
CA GLU A 40 -30.24 28.13 -8.48
C GLU A 40 -28.86 28.05 -7.78
N ASN A 41 -28.05 27.05 -8.15
CA ASN A 41 -26.66 26.87 -7.68
C ASN A 41 -25.81 26.76 -8.89
N LYS A 42 -25.30 27.88 -9.39
CA LYS A 42 -24.66 27.93 -10.68
C LYS A 42 -23.23 27.43 -10.72
N LYS A 43 -22.55 27.43 -9.57
CA LYS A 43 -21.19 26.87 -9.46
C LYS A 43 -21.23 25.64 -8.54
N VAL A 44 -20.83 24.49 -9.06
CA VAL A 44 -20.73 23.28 -8.25
C VAL A 44 -19.35 22.66 -8.50
N ASP A 45 -18.59 22.50 -7.42
CA ASP A 45 -17.16 22.17 -7.50
C ASP A 45 -16.95 20.68 -7.38
N ILE A 46 -15.73 20.21 -7.64
CA ILE A 46 -15.35 18.85 -7.32
C ILE A 46 -15.59 18.64 -5.83
N SER A 47 -16.36 17.60 -5.48
CA SER A 47 -16.55 17.26 -4.08
C SER A 47 -16.89 15.79 -3.97
N ASP A 48 -16.86 15.26 -2.75
CA ASP A 48 -17.30 13.91 -2.46
C ASP A 48 -16.44 12.88 -3.18
N ILE A 49 -15.15 13.07 -3.18
CA ILE A 49 -14.24 12.06 -3.73
C ILE A 49 -14.32 10.78 -2.87
N GLU A 50 -14.42 9.61 -3.50
CA GLU A 50 -14.67 8.39 -2.75
C GLU A 50 -13.53 7.43 -2.92
N VAL A 51 -13.18 6.76 -1.84
CA VAL A 51 -12.12 5.75 -1.89
C VAL A 51 -12.59 4.51 -2.64
N ILE A 52 -11.71 3.90 -3.41
CA ILE A 52 -11.96 2.58 -3.98
C ILE A 52 -11.18 1.51 -3.17
N THR A 53 -11.88 0.43 -2.81
CA THR A 53 -11.30 -0.71 -2.03
C THR A 53 -11.17 -2.01 -2.85
N ASN A 54 -11.68 -1.99 -4.08
CA ASN A 54 -11.69 -3.11 -5.03
C ASN A 54 -10.55 -2.82 -6.03
N GLY A 55 -9.49 -3.64 -6.01
CA GLY A 55 -8.38 -3.57 -6.98
C GLY A 55 -8.56 -4.33 -8.29
N ASN A 56 -9.75 -4.90 -8.53
CA ASN A 56 -9.97 -5.69 -9.75
C ASN A 56 -10.15 -4.74 -10.90
N LEU A 57 -9.27 -4.84 -11.89
CA LEU A 57 -9.26 -3.93 -13.04
C LEU A 57 -10.45 -4.10 -13.99
N ASP A 58 -11.12 -5.24 -13.91
CA ASP A 58 -12.26 -5.50 -14.76
C ASP A 58 -13.53 -4.89 -14.22
N ASP A 59 -13.54 -4.54 -12.94
CA ASP A 59 -14.68 -3.82 -12.39
C ASP A 59 -14.48 -2.29 -12.42
N VAL A 60 -15.25 -1.60 -13.23
CA VAL A 60 -15.21 -0.16 -13.29
C VAL A 60 -16.19 0.40 -12.23
N PRO A 61 -15.79 1.48 -11.50
CA PRO A 61 -16.72 2.03 -10.53
C PRO A 61 -18.08 2.38 -11.17
N TYR A 62 -19.18 2.08 -10.49
CA TYR A 62 -20.54 2.48 -10.95
C TYR A 62 -20.98 1.89 -12.27
N LYS A 63 -20.33 0.80 -12.67
CA LYS A 63 -20.74 0.08 -13.88
C LYS A 63 -22.27 -0.17 -13.95
N ALA A 64 -22.87 -0.61 -12.85
CA ALA A 64 -24.30 -0.93 -12.84
C ALA A 64 -25.15 0.30 -13.17
N ASN A 65 -24.78 1.45 -12.59
CA ASN A 65 -25.44 2.72 -12.84
C ASN A 65 -25.48 3.02 -14.33
N SER A 66 -24.38 2.69 -15.02
CA SER A 66 -24.21 3.06 -16.42
C SER A 66 -25.14 2.37 -17.41
N SER A 67 -25.72 1.24 -17.00
CA SER A 67 -26.75 0.56 -17.80
C SER A 67 -27.97 1.43 -18.09
N LYS A 68 -28.22 2.45 -17.28
CA LYS A 68 -29.36 3.36 -17.48
C LYS A 68 -29.01 4.58 -18.31
N TYR A 69 -27.75 4.72 -18.71
CA TYR A 69 -27.33 5.93 -19.45
C TYR A 69 -27.85 5.89 -20.89
N ASN A 70 -28.10 7.05 -21.47
CA ASN A 70 -28.52 7.10 -22.87
C ASN A 70 -27.55 6.44 -23.83
N TYR A 71 -26.26 6.72 -23.64
CA TYR A 71 -25.20 6.09 -24.42
C TYR A 71 -24.07 5.79 -23.45
N PRO A 72 -24.04 4.56 -22.86
CA PRO A 72 -23.01 4.28 -21.85
C PRO A 72 -21.65 4.34 -22.51
N ASP A 73 -20.74 5.11 -21.94
CA ASP A 73 -19.41 5.21 -22.53
C ASP A 73 -18.36 5.01 -21.43
N ILE A 74 -17.89 3.76 -21.33
CA ILE A 74 -16.88 3.38 -20.34
C ILE A 74 -15.56 3.32 -21.08
N LYS A 75 -14.58 4.08 -20.61
CA LYS A 75 -13.33 4.14 -21.37
C LYS A 75 -12.76 2.75 -21.40
N THR A 76 -12.29 2.36 -22.58
CA THR A 76 -11.78 1.01 -22.83
C THR A 76 -10.59 0.64 -21.91
N LYS A 77 -10.43 -0.66 -21.68
CA LYS A 77 -9.35 -1.19 -20.87
C LYS A 77 -8.10 -1.39 -21.73
N ASP A 78 -6.99 -0.78 -21.33
CA ASP A 78 -5.73 -0.94 -22.03
C ASP A 78 -5.13 -2.33 -21.70
N SER A 79 -5.04 -3.22 -22.69
CA SER A 79 -4.63 -4.60 -22.43
C SER A 79 -3.18 -4.77 -21.95
N SER A 80 -2.36 -3.75 -22.12
CA SER A 80 -0.95 -3.83 -21.67
C SER A 80 -0.78 -3.50 -20.17
N LEU A 81 -1.82 -2.96 -19.55
CA LEU A 81 -1.77 -2.58 -18.12
C LEU A 81 -2.21 -3.75 -17.29
N GLN A 82 -1.32 -4.26 -16.42
CA GLN A 82 -1.65 -5.41 -15.57
C GLN A 82 -2.10 -5.05 -14.17
N TYR A 83 -1.76 -3.87 -13.69
CA TYR A 83 -1.94 -3.58 -12.25
C TYR A 83 -2.72 -2.29 -12.02
N VAL A 84 -2.90 -1.46 -13.05
CA VAL A 84 -3.59 -0.17 -12.83
C VAL A 84 -4.67 0.08 -13.88
N ARG A 85 -5.62 0.97 -13.60
CA ARG A 85 -6.58 1.41 -14.66
C ARG A 85 -7.10 2.77 -14.27
N SER A 86 -7.15 3.70 -15.21
CA SER A 86 -7.82 4.96 -14.97
C SER A 86 -8.74 5.24 -16.17
N GLY A 87 -9.71 6.13 -15.97
CA GLY A 87 -10.63 6.44 -17.09
C GLY A 87 -11.91 7.08 -16.60
N TYR A 88 -12.99 6.81 -17.30
CA TYR A 88 -14.26 7.42 -16.98
C TYR A 88 -15.38 6.42 -17.27
N VAL A 89 -16.55 6.70 -16.72
CA VAL A 89 -17.77 5.94 -16.94
C VAL A 89 -18.79 7.06 -17.11
N ILE A 90 -19.17 7.38 -18.35
CA ILE A 90 -20.07 8.52 -18.56
C ILE A 90 -21.21 8.22 -19.54
N ASP A 91 -22.22 9.09 -19.51
CA ASP A 91 -23.25 9.09 -20.55
C ASP A 91 -22.75 9.96 -21.67
N GLY A 92 -22.46 9.36 -22.83
CA GLY A 92 -22.02 10.15 -24.00
C GLY A 92 -23.13 10.87 -24.75
N GLU A 93 -24.37 10.71 -24.31
CA GLU A 93 -25.50 11.46 -24.88
C GLU A 93 -26.32 11.95 -23.68
N HIS A 94 -25.62 12.67 -22.82
CA HIS A 94 -26.19 13.09 -21.55
C HIS A 94 -27.31 14.15 -21.79
N SER A 95 -28.39 14.03 -21.04
CA SER A 95 -29.56 14.91 -21.20
C SER A 95 -30.30 14.92 -19.88
N GLY A 96 -30.84 16.07 -19.51
CA GLY A 96 -31.73 16.16 -18.38
C GLY A 96 -30.98 16.06 -17.05
N SER A 97 -31.73 15.73 -16.02
CA SER A 97 -31.19 15.73 -14.66
C SER A 97 -30.55 14.39 -14.28
N ASN A 98 -30.54 13.40 -15.16
CA ASN A 98 -29.87 12.14 -14.84
C ASN A 98 -28.36 12.43 -14.67
N GLU A 99 -27.64 11.51 -14.05
CA GLU A 99 -26.21 11.75 -13.77
C GLU A 99 -25.39 11.70 -15.04
N LYS A 100 -24.29 12.45 -15.07
CA LYS A 100 -23.33 12.40 -16.20
C LYS A 100 -22.32 11.22 -16.12
N GLY A 101 -21.86 10.87 -14.91
CA GLY A 101 -20.93 9.77 -14.71
C GLY A 101 -19.80 10.07 -13.72
N TYR A 102 -18.67 9.38 -13.93
CA TYR A 102 -17.60 9.34 -12.95
C TYR A 102 -16.23 9.27 -13.63
N VAL A 103 -15.22 9.76 -12.90
CA VAL A 103 -13.80 9.69 -13.33
C VAL A 103 -13.05 9.01 -12.16
N TYR A 104 -12.14 8.09 -12.49
CA TYR A 104 -11.49 7.27 -11.44
C TYR A 104 -10.07 6.82 -11.81
N TYR A 105 -9.31 6.42 -10.81
CA TYR A 105 -8.19 5.48 -11.05
C TYR A 105 -8.24 4.40 -10.01
N LYS A 106 -7.64 3.24 -10.33
CA LYS A 106 -7.42 2.23 -9.32
C LYS A 106 -6.23 1.36 -9.70
N GLY A 107 -5.76 0.60 -8.72
CA GLY A 107 -4.67 -0.37 -8.91
C GLY A 107 -4.74 -1.51 -7.92
N ASN A 108 -4.02 -2.60 -8.21
CA ASN A 108 -3.85 -3.64 -7.21
C ASN A 108 -2.37 -3.96 -7.08
N SER A 109 -2.03 -4.72 -6.05
CA SER A 109 -0.63 -5.09 -5.78
C SER A 109 0.31 -3.87 -5.56
N PRO A 110 -0.01 -2.99 -4.59
CA PRO A 110 0.88 -1.85 -4.29
C PRO A 110 2.34 -2.32 -4.12
N ALA A 111 3.29 -1.67 -4.78
CA ALA A 111 4.67 -2.20 -4.92
C ALA A 111 5.35 -2.48 -3.60
N LYS A 112 6.01 -3.62 -3.46
CA LYS A 112 6.79 -3.88 -2.23
C LYS A 112 8.29 -3.82 -2.49
N GLU A 113 8.64 -3.76 -3.77
CA GLU A 113 10.02 -3.49 -4.20
C GLU A 113 9.98 -2.36 -5.23
N LEU A 114 11.02 -1.52 -5.20
CA LEU A 114 11.24 -0.47 -6.18
C LEU A 114 12.56 -0.69 -6.94
N PRO A 115 12.64 -0.19 -8.20
CA PRO A 115 13.91 -0.16 -8.93
C PRO A 115 14.96 0.55 -8.08
N VAL A 116 16.20 0.04 -8.14
CA VAL A 116 17.29 0.56 -7.29
C VAL A 116 17.81 1.89 -7.80
N ASN A 117 18.11 1.98 -9.08
CA ASN A 117 18.69 3.22 -9.55
C ASN A 117 18.41 3.57 -11.00
N GLN A 118 17.70 2.71 -11.74
CA GLN A 118 17.48 2.93 -13.19
C GLN A 118 16.53 4.12 -13.36
N LEU A 119 16.80 5.03 -14.29
CA LEU A 119 15.92 6.19 -14.54
C LEU A 119 14.82 5.70 -15.47
N LEU A 120 13.58 5.63 -14.98
CA LEU A 120 12.52 4.96 -15.73
C LEU A 120 11.38 5.89 -16.17
N THR A 121 10.98 5.74 -17.42
CA THR A 121 9.89 6.58 -18.00
C THR A 121 8.62 5.76 -18.00
N TYR A 122 7.56 6.26 -17.34
CA TYR A 122 6.25 5.61 -17.40
C TYR A 122 5.43 6.42 -18.42
N THR A 123 4.78 5.71 -19.35
CA THR A 123 3.99 6.31 -20.37
C THR A 123 2.57 5.79 -20.30
N GLY A 124 1.60 6.68 -20.50
CA GLY A 124 0.18 6.29 -20.44
C GLY A 124 -0.74 7.44 -20.81
N SER A 125 -1.89 7.54 -20.12
CA SER A 125 -2.89 8.55 -20.45
C SER A 125 -3.29 9.31 -19.22
N TRP A 126 -4.13 10.32 -19.40
CA TRP A 126 -4.75 10.96 -18.26
C TRP A 126 -6.18 11.29 -18.70
N ASP A 127 -7.04 11.57 -17.72
CA ASP A 127 -8.45 11.87 -17.92
C ASP A 127 -8.82 12.88 -16.83
N PHE A 128 -10.00 13.49 -16.96
CA PHE A 128 -10.39 14.57 -16.04
C PHE A 128 -11.86 14.79 -16.10
N THR A 129 -12.36 15.46 -15.05
CA THR A 129 -13.66 16.14 -15.15
C THR A 129 -13.49 17.56 -14.65
N SER A 130 -14.07 18.54 -15.34
CA SER A 130 -14.08 19.89 -14.74
C SER A 130 -15.21 20.00 -13.70
N ASN A 131 -15.29 21.14 -13.01
CA ASN A 131 -16.48 21.41 -12.24
C ASN A 131 -17.56 21.95 -13.19
N ALA A 132 -18.73 22.34 -12.63
CA ALA A 132 -19.85 22.90 -13.39
C ALA A 132 -20.03 24.36 -13.01
N ASN A 133 -19.97 25.25 -13.99
CA ASN A 133 -20.08 26.70 -13.71
C ASN A 133 -20.92 27.38 -14.75
N LEU A 134 -22.16 27.68 -14.35
CA LEU A 134 -23.13 28.33 -15.23
C LEU A 134 -23.06 29.85 -15.21
N ASN A 135 -22.23 30.40 -14.32
CA ASN A 135 -22.12 31.85 -14.21
C ASN A 135 -21.66 32.54 -15.50
N ASN A 136 -22.48 33.48 -15.98
CA ASN A 136 -22.15 34.26 -17.18
C ASN A 136 -20.78 34.89 -17.13
N GLU A 137 -20.37 35.29 -15.94
CA GLU A 137 -19.08 35.94 -15.72
C GLU A 137 -17.93 35.00 -16.09
N GLU A 138 -18.09 33.70 -15.78
CA GLU A 138 -17.01 32.72 -15.97
C GLU A 138 -16.56 32.61 -17.41
N GLY A 139 -17.48 32.81 -18.36
CA GLY A 139 -17.18 32.83 -19.76
C GLY A 139 -16.81 31.48 -20.38
N ARG A 140 -17.43 30.42 -19.91
CA ARG A 140 -17.20 29.09 -20.48
C ARG A 140 -17.84 29.02 -21.87
N PRO A 141 -17.28 28.17 -22.75
CA PRO A 141 -17.68 28.20 -24.16
C PRO A 141 -19.05 27.57 -24.41
N ASN A 142 -19.82 28.16 -25.31
CA ASN A 142 -21.11 27.63 -25.66
C ASN A 142 -21.04 26.58 -26.78
N TYR A 143 -20.31 26.89 -27.84
CA TYR A 143 -20.31 26.07 -29.04
C TYR A 143 -18.92 25.73 -29.56
N LEU A 144 -18.52 24.45 -29.43
CA LEU A 144 -17.23 23.97 -29.99
C LEU A 144 -17.41 22.57 -30.58
N ASN A 145 -18.20 22.53 -31.66
CA ASN A 145 -18.65 21.26 -32.23
C ASN A 145 -17.50 20.45 -32.84
N ASP A 146 -16.37 21.07 -33.16
CA ASP A 146 -15.24 20.28 -33.70
C ASP A 146 -14.40 19.68 -32.56
N ASP A 147 -14.61 20.19 -31.34
CA ASP A 147 -13.80 19.79 -30.16
C ASP A 147 -14.48 18.76 -29.28
N TYR A 148 -15.79 18.92 -29.08
CA TYR A 148 -16.56 18.08 -28.10
C TYR A 148 -17.90 17.59 -28.65
N TYR A 149 -18.39 16.49 -28.08
CA TYR A 149 -19.67 15.91 -28.47
C TYR A 149 -20.85 16.52 -27.70
N THR A 150 -20.65 17.71 -27.13
CA THR A 150 -21.73 18.36 -26.35
C THR A 150 -21.60 19.87 -26.52
N LYS A 151 -22.62 20.62 -26.08
CA LYS A 151 -22.64 22.10 -26.08
C LYS A 151 -22.65 22.62 -24.64
N PHE A 152 -22.40 23.93 -24.48
CA PHE A 152 -22.47 24.58 -23.16
C PHE A 152 -21.42 23.89 -22.23
N ILE A 153 -20.18 23.98 -22.68
CA ILE A 153 -19.07 23.17 -22.19
C ILE A 153 -18.71 23.53 -20.75
N GLY A 154 -18.83 22.57 -19.85
CA GLY A 154 -18.57 22.77 -18.43
C GLY A 154 -19.54 23.71 -17.74
N LYS A 155 -20.68 24.00 -18.37
CA LYS A 155 -21.63 24.95 -17.78
C LYS A 155 -22.57 24.28 -16.80
N ARG A 156 -23.69 23.74 -17.28
CA ARG A 156 -24.54 22.99 -16.39
C ARG A 156 -23.91 21.65 -15.94
N VAL A 157 -23.07 21.09 -16.79
CA VAL A 157 -22.49 19.75 -16.55
C VAL A 157 -20.96 19.79 -16.73
N GLY A 158 -20.23 19.19 -15.80
CA GLY A 158 -18.77 19.23 -15.90
C GLY A 158 -18.34 18.67 -17.25
N LEU A 159 -17.32 19.28 -17.85
CA LEU A 159 -16.66 18.72 -19.01
C LEU A 159 -15.77 17.52 -18.63
N VAL A 160 -15.94 16.39 -19.34
CA VAL A 160 -15.13 15.18 -19.12
C VAL A 160 -14.19 14.96 -20.31
N SER A 161 -12.98 14.42 -20.07
CA SER A 161 -12.07 14.07 -21.19
C SER A 161 -12.79 13.18 -22.23
N GLY A 162 -13.71 12.35 -21.76
CA GLY A 162 -14.48 11.46 -22.64
C GLY A 162 -15.50 12.17 -23.51
N ASP A 163 -15.73 13.46 -23.24
CA ASP A 163 -16.50 14.29 -24.20
C ASP A 163 -15.71 14.74 -25.41
N ALA A 164 -14.37 14.62 -25.40
CA ALA A 164 -13.58 15.28 -26.44
C ALA A 164 -13.54 14.43 -27.72
N LYS A 165 -13.56 15.06 -28.88
CA LYS A 165 -13.35 14.34 -30.16
C LYS A 165 -11.86 14.03 -30.37
N PRO A 166 -11.53 12.75 -30.64
CA PRO A 166 -10.13 12.34 -30.81
C PRO A 166 -9.41 13.09 -31.95
N ALA A 167 -10.15 13.61 -32.92
CA ALA A 167 -9.52 14.38 -34.00
C ALA A 167 -8.81 15.62 -33.45
N LYS A 168 -9.31 16.18 -32.35
CA LYS A 168 -8.71 17.40 -31.82
C LYS A 168 -8.07 17.27 -30.42
N HIS A 169 -8.37 16.18 -29.71
CA HIS A 169 -7.85 15.99 -28.33
C HIS A 169 -7.43 14.57 -28.08
N LYS A 170 -6.21 14.40 -27.54
CA LYS A 170 -5.75 13.10 -27.09
C LYS A 170 -4.91 13.35 -25.84
N TYR A 171 -5.39 12.86 -24.70
CA TYR A 171 -4.76 13.19 -23.44
C TYR A 171 -3.77 12.12 -23.02
N THR A 172 -2.48 12.44 -23.12
CA THR A 172 -1.44 11.43 -22.91
C THR A 172 -0.52 11.87 -21.77
N SER A 173 0.06 10.89 -21.07
CA SER A 173 0.89 11.23 -19.94
C SER A 173 2.26 10.57 -20.07
N GLN A 174 3.26 11.22 -19.49
CA GLN A 174 4.60 10.69 -19.44
C GLN A 174 5.26 11.15 -18.14
N PHE A 175 5.92 10.21 -17.43
CA PHE A 175 6.55 10.53 -16.16
C PHE A 175 7.97 9.97 -16.16
N GLU A 176 8.92 10.70 -15.58
CA GLU A 176 10.27 10.16 -15.46
C GLU A 176 10.60 10.01 -14.00
N VAL A 177 10.91 8.80 -13.57
CA VAL A 177 11.14 8.54 -12.15
C VAL A 177 12.63 8.22 -11.95
N ASP A 178 13.26 9.01 -11.07
CA ASP A 178 14.62 8.71 -10.64
C ASP A 178 14.52 8.04 -9.29
N PHE A 179 14.60 6.70 -9.27
CA PHE A 179 14.44 5.99 -8.01
C PHE A 179 15.60 6.23 -7.02
N ALA A 180 16.76 6.62 -7.58
CA ALA A 180 17.92 6.91 -6.74
C ALA A 180 17.67 8.13 -5.88
N THR A 181 16.98 9.13 -6.42
CA THR A 181 16.67 10.33 -5.66
C THR A 181 15.23 10.39 -5.08
N LYS A 182 14.40 9.40 -5.41
CA LYS A 182 12.97 9.38 -5.04
C LYS A 182 12.24 10.63 -5.54
N LYS A 183 12.55 11.01 -6.79
CA LYS A 183 11.95 12.16 -7.47
C LYS A 183 11.23 11.74 -8.72
N MET A 184 10.14 12.42 -9.02
CA MET A 184 9.37 12.19 -10.26
C MET A 184 9.10 13.52 -10.91
N THR A 185 9.26 13.57 -12.21
CA THR A 185 8.86 14.72 -13.04
C THR A 185 7.95 14.15 -14.14
N GLY A 186 7.23 15.00 -14.85
CA GLY A 186 6.43 14.51 -15.96
C GLY A 186 5.57 15.61 -16.57
N LYS A 187 4.82 15.22 -17.60
CA LYS A 187 3.94 16.10 -18.33
C LYS A 187 2.63 15.38 -18.69
N LEU A 188 1.55 16.12 -18.54
CA LEU A 188 0.24 15.73 -19.10
C LEU A 188 0.04 16.61 -20.31
N SER A 189 -0.21 15.98 -21.46
CA SER A 189 -0.28 16.65 -22.74
C SER A 189 -1.61 16.42 -23.42
N ASP A 190 -1.95 17.30 -24.37
CA ASP A 190 -3.09 17.12 -25.25
C ASP A 190 -2.55 17.25 -26.67
N LYS A 191 -2.43 16.11 -27.34
CA LYS A 191 -1.72 16.04 -28.62
C LYS A 191 -0.32 16.65 -28.41
N GLU A 192 0.05 17.69 -29.17
CA GLU A 192 1.40 18.25 -29.03
C GLU A 192 1.41 19.54 -28.21
N LYS A 193 0.56 19.60 -27.20
CA LYS A 193 0.54 20.73 -26.31
C LYS A 193 0.65 20.26 -24.87
N THR A 194 1.58 20.83 -24.12
CA THR A 194 1.74 20.53 -22.69
C THR A 194 0.66 21.25 -21.87
N ILE A 195 -0.01 20.50 -20.99
CA ILE A 195 -1.13 21.07 -20.25
C ILE A 195 -0.73 21.27 -18.79
N TYR A 196 -0.07 20.27 -18.20
CA TYR A 196 0.50 20.39 -16.88
C TYR A 196 1.90 19.81 -16.88
N THR A 197 2.74 20.32 -15.98
CA THR A 197 3.91 19.57 -15.60
C THR A 197 3.66 19.09 -14.20
N VAL A 198 4.34 18.00 -13.82
CA VAL A 198 4.16 17.44 -12.50
C VAL A 198 5.52 17.19 -11.78
N ASN A 199 5.49 17.24 -10.46
CA ASN A 199 6.67 17.02 -9.62
C ASN A 199 6.18 16.31 -8.40
N ALA A 200 6.86 15.24 -8.01
CA ALA A 200 6.49 14.56 -6.80
C ALA A 200 7.67 13.87 -6.14
N ASP A 201 7.52 13.58 -4.86
CA ASP A 201 8.46 12.79 -4.11
C ASP A 201 7.86 11.45 -3.69
N ILE A 202 8.70 10.41 -3.68
CA ILE A 202 8.26 9.07 -3.37
C ILE A 202 8.46 8.78 -1.86
N ARG A 203 7.42 8.27 -1.22
CA ARG A 203 7.50 7.76 0.16
C ARG A 203 6.75 6.41 0.17
N GLY A 204 7.36 5.38 0.74
CA GLY A 204 6.79 4.03 0.65
C GLY A 204 6.58 3.72 -0.81
N ASN A 205 5.39 3.22 -1.19
CA ASN A 205 5.12 2.98 -2.62
C ASN A 205 4.23 4.08 -3.19
N ARG A 206 4.20 5.24 -2.54
CA ARG A 206 3.33 6.34 -3.00
C ARG A 206 4.17 7.55 -3.42
N PHE A 207 3.57 8.44 -4.19
CA PHE A 207 4.22 9.71 -4.47
C PHE A 207 3.25 10.85 -4.16
N THR A 208 3.79 11.97 -3.67
CA THR A 208 3.00 13.18 -3.39
C THR A 208 3.68 14.42 -3.94
N GLY A 209 2.89 15.35 -4.44
CA GLY A 209 3.49 16.52 -5.04
C GLY A 209 2.50 17.49 -5.62
N ALA A 210 2.83 18.06 -6.79
CA ALA A 210 2.08 19.15 -7.37
C ALA A 210 1.93 19.04 -8.87
N ALA A 211 0.83 19.58 -9.41
CA ALA A 211 0.72 19.73 -10.87
C ALA A 211 0.75 21.23 -11.14
N THR A 212 1.57 21.64 -12.09
CA THR A 212 1.68 23.06 -12.46
C THR A 212 1.00 23.30 -13.78
N ALA A 213 -0.03 24.16 -13.80
CA ALA A 213 -0.73 24.47 -15.05
C ALA A 213 0.22 25.14 -16.02
N SER A 214 0.28 24.65 -17.26
CA SER A 214 1.25 25.21 -18.23
C SER A 214 0.75 26.53 -18.83
N ASP A 215 -0.56 26.74 -18.87
CA ASP A 215 -1.17 28.00 -19.33
C ASP A 215 -2.01 28.53 -18.19
N LYS A 216 -1.52 29.60 -17.53
CA LYS A 216 -2.16 30.18 -16.33
C LYS A 216 -3.34 31.10 -16.66
N ASN A 217 -3.54 31.40 -17.93
CA ASN A 217 -4.65 32.27 -18.36
C ASN A 217 -5.95 31.50 -18.66
N LYS A 218 -6.99 31.83 -17.92
CA LYS A 218 -8.31 31.25 -18.11
C LYS A 218 -8.91 31.60 -19.48
N GLY A 219 -8.73 32.84 -19.91
CA GLY A 219 -9.32 33.33 -21.16
C GLY A 219 -10.83 33.40 -21.05
N LYS A 220 -11.53 33.42 -22.17
CA LYS A 220 -12.99 33.54 -22.12
C LYS A 220 -13.61 33.05 -23.43
N GLY A 221 -14.87 32.63 -23.40
CA GLY A 221 -15.56 32.20 -24.63
C GLY A 221 -14.91 30.99 -25.27
N GLU A 222 -14.71 31.05 -26.59
CA GLU A 222 -14.13 29.93 -27.38
C GLU A 222 -12.69 29.56 -27.00
N SER A 223 -11.97 30.52 -26.45
CA SER A 223 -10.61 30.28 -26.03
C SER A 223 -10.49 29.98 -24.51
N TYR A 224 -11.60 29.76 -23.81
CA TYR A 224 -11.59 29.44 -22.38
C TYR A 224 -10.68 28.23 -22.14
N ASN A 225 -9.87 28.34 -21.09
CA ASN A 225 -8.88 27.33 -20.76
C ASN A 225 -9.31 26.64 -19.47
N PHE A 226 -9.71 25.36 -19.56
CA PHE A 226 -10.19 24.61 -18.39
C PHE A 226 -9.09 24.22 -17.36
N PHE A 227 -7.81 24.43 -17.73
CA PHE A 227 -6.66 23.84 -17.02
C PHE A 227 -5.72 24.94 -16.51
N SER A 228 -6.30 25.96 -15.87
CA SER A 228 -5.51 27.16 -15.55
C SER A 228 -5.00 27.10 -14.11
N ALA A 229 -5.59 26.24 -13.30
CA ALA A 229 -5.31 26.19 -11.86
C ALA A 229 -4.24 25.18 -11.53
N ASP A 230 -3.33 25.53 -10.63
CA ASP A 230 -2.36 24.56 -10.13
C ASP A 230 -3.03 23.62 -9.12
N SER A 231 -2.33 22.53 -8.80
CA SER A 231 -2.73 21.62 -7.72
C SER A 231 -1.55 21.31 -6.81
N GLN A 232 -1.80 21.37 -5.50
CA GLN A 232 -0.83 20.89 -4.50
C GLN A 232 -1.29 19.54 -4.00
N SER A 233 -2.21 18.88 -4.70
CA SER A 233 -2.77 17.63 -4.17
C SER A 233 -2.59 16.47 -5.14
N LEU A 234 -1.41 16.39 -5.75
CA LEU A 234 -1.10 15.23 -6.60
C LEU A 234 -0.69 14.09 -5.67
N GLU A 235 -1.33 12.94 -5.82
CA GLU A 235 -0.98 11.76 -5.01
C GLU A 235 -1.28 10.55 -5.81
N GLY A 236 -0.35 9.60 -5.80
CA GLY A 236 -0.61 8.32 -6.45
C GLY A 236 0.27 7.22 -5.92
N GLY A 237 0.31 6.08 -6.60
CA GLY A 237 1.08 4.95 -6.13
C GLY A 237 1.71 4.17 -7.26
N PHE A 238 2.73 3.40 -6.90
CA PHE A 238 3.29 2.39 -7.75
C PHE A 238 2.62 1.09 -7.45
N TYR A 239 2.26 0.38 -8.51
CA TYR A 239 1.53 -0.87 -8.38
C TYR A 239 2.23 -1.95 -9.23
N GLY A 240 1.95 -3.22 -8.99
CA GLY A 240 2.83 -4.29 -9.47
C GLY A 240 3.87 -4.53 -8.40
N PRO A 241 4.27 -5.82 -8.21
CA PRO A 241 5.18 -6.11 -7.10
C PRO A 241 6.49 -5.32 -7.12
N LYS A 242 6.94 -4.94 -8.33
CA LYS A 242 8.17 -4.17 -8.52
C LYS A 242 7.94 -2.79 -9.15
N ALA A 243 6.77 -2.19 -8.88
CA ALA A 243 6.46 -0.83 -9.42
C ALA A 243 6.50 -0.78 -10.97
N GLU A 244 6.03 -1.87 -11.59
CA GLU A 244 5.88 -1.92 -13.03
C GLU A 244 5.01 -0.78 -13.58
N GLU A 245 4.03 -0.31 -12.80
CA GLU A 245 3.02 0.62 -13.29
C GLU A 245 2.73 1.66 -12.19
N MET A 246 2.04 2.75 -12.57
CA MET A 246 1.74 3.80 -11.61
C MET A 246 0.39 4.40 -11.97
N ALA A 247 -0.31 4.97 -10.97
CA ALA A 247 -1.61 5.60 -11.22
C ALA A 247 -1.80 6.64 -10.13
N GLY A 248 -2.59 7.64 -10.42
CA GLY A 248 -2.87 8.65 -9.37
C GLY A 248 -3.79 9.74 -9.82
N LYS A 249 -3.86 10.81 -9.02
CA LYS A 249 -4.86 11.85 -9.27
C LYS A 249 -4.37 13.16 -8.72
N PHE A 250 -5.00 14.25 -9.16
CA PHE A 250 -4.87 15.48 -8.43
C PHE A 250 -6.15 16.28 -8.50
N VAL A 251 -6.26 17.23 -7.59
CA VAL A 251 -7.41 18.16 -7.61
C VAL A 251 -6.92 19.61 -7.71
N ALA A 252 -7.48 20.40 -8.62
CA ALA A 252 -7.12 21.82 -8.74
C ALA A 252 -7.33 22.50 -7.35
N ASN A 253 -6.45 23.45 -7.01
CA ASN A 253 -6.54 24.13 -5.73
C ASN A 253 -7.86 24.91 -5.55
N ASP A 254 -8.48 25.35 -6.64
CA ASP A 254 -9.82 25.97 -6.57
C ASP A 254 -10.95 24.97 -6.85
N LYS A 255 -10.66 23.67 -6.78
CA LYS A 255 -11.70 22.63 -7.00
C LYS A 255 -12.41 22.67 -8.37
N SER A 256 -11.75 23.20 -9.39
CA SER A 256 -12.34 23.32 -10.74
C SER A 256 -11.98 22.14 -11.67
N LEU A 257 -11.15 21.22 -11.20
CA LEU A 257 -10.69 20.09 -12.04
C LEU A 257 -10.23 18.94 -11.17
N PHE A 258 -10.57 17.72 -11.60
CA PHE A 258 -10.11 16.47 -10.99
C PHE A 258 -9.50 15.68 -12.11
N ALA A 259 -8.21 15.37 -11.99
CA ALA A 259 -7.48 14.68 -13.03
C ALA A 259 -7.01 13.32 -12.51
N VAL A 260 -6.97 12.32 -13.38
CA VAL A 260 -6.46 10.99 -13.04
C VAL A 260 -5.47 10.55 -14.11
N PHE A 261 -4.61 9.58 -13.80
CA PHE A 261 -3.62 9.13 -14.79
C PHE A 261 -3.18 7.73 -14.46
N SER A 262 -2.72 7.02 -15.48
CA SER A 262 -2.07 5.72 -15.28
C SER A 262 -1.04 5.51 -16.41
N ALA A 263 0.01 4.75 -16.12
CA ALA A 263 1.13 4.62 -17.04
C ALA A 263 1.97 3.41 -16.62
N LYS A 264 2.83 2.96 -17.53
CA LYS A 264 3.63 1.76 -17.33
C LYS A 264 5.03 2.06 -17.86
N HIS A 265 6.07 1.57 -17.17
CA HIS A 265 7.43 1.84 -17.62
C HIS A 265 7.88 0.80 -18.67
N ASN A 266 8.89 1.16 -19.44
CA ASN A 266 9.36 0.30 -20.53
C ASN A 266 10.67 -0.38 -20.18
N GLY A 267 10.97 -0.57 -18.90
CA GLY A 267 12.25 -1.19 -18.48
C GLY A 267 12.27 -2.70 -18.62
N SER A 268 13.48 -3.27 -18.80
CA SER A 268 13.65 -4.74 -18.89
C SER A 268 14.61 -5.25 -17.84
N ASN A 269 14.24 -6.32 -17.14
CA ASN A 269 15.16 -6.94 -16.15
C ASN A 269 15.70 -5.87 -15.18
N VAL A 270 14.80 -5.12 -14.54
CA VAL A 270 15.15 -4.03 -13.68
C VAL A 270 15.58 -4.59 -12.31
N ASP A 271 16.74 -4.17 -11.80
CA ASP A 271 17.23 -4.55 -10.46
C ASP A 271 16.38 -3.79 -9.42
N THR A 272 15.94 -4.48 -8.39
CA THR A 272 15.04 -3.86 -7.42
C THR A 272 15.55 -4.04 -6.01
N VAL A 273 15.09 -3.18 -5.08
CA VAL A 273 15.31 -3.36 -3.65
C VAL A 273 13.96 -3.38 -2.91
N ARG A 274 13.87 -4.16 -1.81
CA ARG A 274 12.63 -4.22 -1.04
C ARG A 274 12.41 -2.92 -0.26
N ILE A 275 11.15 -2.48 -0.20
CA ILE A 275 10.77 -1.36 0.67
C ILE A 275 9.80 -1.79 1.76
N ILE A 276 9.02 -2.85 1.48
CA ILE A 276 7.95 -3.21 2.39
C ILE A 276 7.82 -4.72 2.55
N ASP A 277 7.53 -5.16 3.78
CA ASP A 277 6.99 -6.51 3.99
C ASP A 277 5.57 -6.34 4.55
N ALA A 278 4.64 -7.14 4.06
CA ALA A 278 3.29 -7.19 4.62
C ALA A 278 2.65 -8.48 4.13
N SER A 279 2.61 -9.47 5.00
CA SER A 279 2.06 -10.77 4.63
C SER A 279 1.36 -11.40 5.80
N LYS A 280 0.59 -12.42 5.48
CA LYS A 280 -0.27 -13.10 6.42
C LYS A 280 -0.09 -14.60 6.21
N ILE A 281 0.13 -15.32 7.31
CA ILE A 281 0.21 -16.78 7.31
C ILE A 281 -1.11 -17.32 7.86
N ASP A 282 -1.81 -18.10 7.07
CA ASP A 282 -3.07 -18.72 7.48
C ASP A 282 -2.76 -19.97 8.33
N LEU A 283 -3.21 -20.01 9.59
CA LEU A 283 -2.83 -21.11 10.49
C LEU A 283 -3.64 -22.41 10.35
N THR A 284 -4.64 -22.43 9.48
CA THR A 284 -5.34 -23.70 9.26
C THR A 284 -4.65 -24.43 8.11
N ASN A 285 -4.17 -23.66 7.13
CA ASN A 285 -3.55 -24.17 5.91
C ASN A 285 -2.02 -24.04 5.90
N PHE A 286 -1.47 -23.24 6.82
CA PHE A 286 -0.02 -22.93 6.87
C PHE A 286 0.45 -22.44 5.50
N SER A 287 -0.34 -21.54 4.91
CA SER A 287 -0.05 -20.92 3.62
C SER A 287 0.13 -19.42 3.82
N ILE A 288 0.87 -18.75 2.92
CA ILE A 288 1.20 -17.31 3.06
C ILE A 288 0.49 -16.51 1.97
N SER A 289 -0.01 -15.30 2.29
CA SER A 289 -0.54 -14.39 1.27
C SER A 289 -0.11 -12.94 1.54
N GLU A 290 -0.07 -12.14 0.49
CA GLU A 290 0.34 -10.74 0.57
C GLU A 290 -0.78 -9.89 1.14
N LEU A 291 -0.42 -8.90 1.96
CA LEU A 291 -1.35 -7.87 2.41
C LEU A 291 -1.12 -6.60 1.63
N ASN A 292 -2.18 -5.86 1.32
CA ASN A 292 -1.98 -4.52 0.76
C ASN A 292 -1.37 -3.56 1.79
N ASN A 293 -0.27 -2.91 1.42
CA ASN A 293 0.34 -1.96 2.36
C ASN A 293 1.01 -0.83 1.59
N PHE A 294 0.93 0.40 2.10
CA PHE A 294 1.48 1.53 1.35
C PHE A 294 2.79 2.07 1.93
N GLY A 295 3.32 1.39 2.94
CA GLY A 295 4.57 1.86 3.55
C GLY A 295 4.44 2.27 5.02
N ASP A 296 3.26 2.07 5.59
CA ASP A 296 3.07 2.29 7.04
C ASP A 296 2.76 0.92 7.67
N ALA A 297 3.74 0.37 8.40
CA ALA A 297 3.59 -0.96 9.00
C ALA A 297 2.53 -0.91 10.12
N SER A 298 2.20 0.30 10.57
CA SER A 298 1.16 0.46 11.62
C SER A 298 -0.26 0.61 11.07
N VAL A 299 -0.41 0.40 9.78
CA VAL A 299 -1.74 0.36 9.18
C VAL A 299 -1.90 -1.06 8.62
N LEU A 300 -2.90 -1.77 9.11
CA LEU A 300 -3.11 -3.14 8.67
C LEU A 300 -4.42 -3.14 7.93
N ILE A 301 -4.38 -3.52 6.65
CA ILE A 301 -5.59 -3.48 5.81
C ILE A 301 -6.19 -4.87 5.73
N ILE A 302 -7.40 -5.03 6.28
CA ILE A 302 -8.07 -6.34 6.24
C ILE A 302 -9.35 -6.24 5.44
N ASP A 303 -9.44 -7.11 4.42
CA ASP A 303 -10.57 -7.16 3.51
C ASP A 303 -11.00 -5.73 3.14
N GLY A 304 -10.02 -4.91 2.77
CA GLY A 304 -10.26 -3.55 2.28
C GLY A 304 -10.27 -2.46 3.33
N LYS A 305 -10.47 -2.83 4.60
CA LYS A 305 -10.60 -1.83 5.69
C LYS A 305 -9.29 -1.61 6.49
N LYS A 306 -8.95 -0.34 6.71
CA LYS A 306 -7.74 0.05 7.42
C LYS A 306 -7.90 -0.10 8.93
N ILE A 307 -6.98 -0.81 9.56
CA ILE A 307 -6.89 -0.87 11.03
C ILE A 307 -5.62 -0.13 11.46
N LYS A 308 -5.77 0.89 12.31
CA LYS A 308 -4.60 1.62 12.82
C LYS A 308 -4.09 0.89 14.06
N LEU A 309 -2.86 0.40 13.97
CA LEU A 309 -2.25 -0.35 15.04
C LEU A 309 -1.55 0.62 15.99
N ALA A 310 -2.29 1.15 16.94
CA ALA A 310 -1.70 1.99 17.99
C ALA A 310 -2.31 1.56 19.32
N GLY A 311 -1.59 1.70 20.41
CA GLY A 311 -2.11 1.28 21.68
C GLY A 311 -1.09 1.47 22.75
N SER A 312 -1.56 1.39 23.98
CA SER A 312 -0.77 1.69 25.14
C SER A 312 0.00 0.48 25.56
N GLY A 313 -0.59 -0.69 25.33
CA GLY A 313 -0.04 -1.96 25.82
C GLY A 313 1.18 -2.43 25.06
N PHE A 314 1.92 -3.34 25.67
CA PHE A 314 2.98 -4.05 24.96
C PHE A 314 2.43 -4.69 23.68
N THR A 315 1.28 -5.36 23.80
CA THR A 315 0.48 -5.73 22.65
C THR A 315 -0.93 -5.15 22.87
N ASN A 316 -1.65 -4.98 21.77
CA ASN A 316 -2.98 -4.36 21.79
C ASN A 316 -3.93 -5.13 20.89
N LYS A 317 -5.12 -5.42 21.43
CA LYS A 317 -6.20 -6.06 20.70
C LYS A 317 -7.10 -5.06 19.99
N HIS A 318 -7.44 -5.36 18.73
CA HIS A 318 -8.34 -4.51 17.94
C HIS A 318 -9.46 -5.37 17.44
N THR A 319 -10.69 -4.93 17.67
CA THR A 319 -11.88 -5.68 17.30
C THR A 319 -12.64 -4.80 16.36
N ILE A 320 -12.73 -5.21 15.10
CA ILE A 320 -13.27 -4.35 14.05
C ILE A 320 -14.24 -5.15 13.18
N GLU A 321 -15.37 -4.53 12.82
CA GLU A 321 -16.37 -5.13 11.94
C GLU A 321 -16.05 -4.76 10.51
N ILE A 322 -15.92 -5.79 9.68
CA ILE A 322 -15.57 -5.61 8.27
C ILE A 322 -16.45 -6.53 7.43
N ASN A 323 -17.36 -5.91 6.68
CA ASN A 323 -18.27 -6.65 5.78
C ASN A 323 -19.04 -7.76 6.53
N GLY A 324 -19.55 -7.40 7.70
CA GLY A 324 -20.34 -8.29 8.56
C GLY A 324 -19.59 -9.46 9.17
N LYS A 325 -18.28 -9.32 9.33
CA LYS A 325 -17.45 -10.29 10.07
C LYS A 325 -16.73 -9.52 11.15
N THR A 326 -16.55 -10.13 12.31
CA THR A 326 -15.91 -9.41 13.40
C THR A 326 -14.46 -9.89 13.53
N MET A 327 -13.55 -9.02 13.08
CA MET A 327 -12.13 -9.36 13.01
C MET A 327 -11.43 -8.86 14.26
N VAL A 328 -10.46 -9.66 14.73
CA VAL A 328 -9.67 -9.36 15.91
C VAL A 328 -8.18 -9.46 15.58
N ALA A 329 -7.46 -8.37 15.85
CA ALA A 329 -6.02 -8.38 15.66
C ALA A 329 -5.35 -8.08 16.97
N VAL A 330 -4.29 -8.81 17.30
CA VAL A 330 -3.47 -8.52 18.47
C VAL A 330 -2.06 -8.22 17.97
N ALA A 331 -1.64 -6.97 18.13
CA ALA A 331 -0.46 -6.50 17.44
C ALA A 331 0.62 -6.19 18.45
N CYS A 332 1.85 -6.52 18.08
CA CYS A 332 3.06 -6.29 18.87
C CYS A 332 3.96 -5.40 18.03
N CYS A 333 4.78 -4.54 18.61
CA CYS A 333 4.99 -4.34 20.05
C CYS A 333 5.15 -2.83 20.34
N SER A 334 4.89 -2.44 21.59
CA SER A 334 5.02 -1.02 22.02
C SER A 334 6.44 -0.43 21.84
N ASN A 335 7.45 -1.29 21.78
CA ASN A 335 8.83 -0.84 21.64
C ASN A 335 9.38 -0.92 20.21
N LEU A 336 8.51 -1.25 19.24
CA LEU A 336 8.93 -1.28 17.83
C LEU A 336 8.11 -0.23 17.08
N GLU A 337 8.80 0.62 16.32
CA GLU A 337 8.15 1.74 15.64
C GLU A 337 8.01 1.56 14.12
N TYR A 338 8.81 0.65 13.54
CA TYR A 338 8.87 0.52 12.07
C TYR A 338 8.41 -0.84 11.53
N MET A 339 7.84 -1.65 12.43
CA MET A 339 7.27 -2.96 12.12
C MET A 339 6.18 -3.28 13.15
N LYS A 340 5.31 -4.22 12.79
CA LYS A 340 4.24 -4.74 13.65
C LYS A 340 4.06 -6.19 13.26
N PHE A 341 3.74 -7.03 14.24
CA PHE A 341 3.43 -8.43 13.94
C PHE A 341 2.40 -8.91 14.95
N GLY A 342 1.69 -9.96 14.63
CA GLY A 342 0.83 -10.52 15.65
C GLY A 342 -0.12 -11.52 15.07
N GLN A 343 -1.26 -11.61 15.74
CA GLN A 343 -2.28 -12.61 15.44
C GLN A 343 -3.55 -11.98 14.91
N LEU A 344 -4.21 -12.70 14.03
CA LEU A 344 -5.44 -12.21 13.44
C LEU A 344 -6.41 -13.39 13.26
N TRP A 345 -7.61 -13.23 13.79
CA TRP A 345 -8.62 -14.24 13.71
C TRP A 345 -10.00 -13.60 13.57
N GLN A 346 -11.00 -14.45 13.32
CA GLN A 346 -12.39 -14.02 13.26
C GLN A 346 -13.10 -14.55 14.50
N GLN A 347 -13.80 -13.66 15.20
CA GLN A 347 -14.49 -14.08 16.40
C GLN A 347 -15.71 -13.22 16.60
N ALA A 348 -16.85 -13.75 16.16
CA ALA A 348 -18.17 -13.23 16.53
C ALA A 348 -18.33 -13.10 18.05
N GLU A 349 -19.39 -12.42 18.47
CA GLU A 349 -19.72 -12.32 19.88
C GLU A 349 -21.16 -12.83 20.13
N GLY A 350 -21.38 -14.15 20.24
CA GLY A 350 -20.43 -15.23 19.89
C GLY A 350 -19.46 -15.67 20.96
N GLY A 351 -18.19 -15.77 20.56
CA GLY A 351 -17.09 -16.01 21.47
C GLY A 351 -16.13 -17.13 21.13
N LYS A 352 -16.25 -17.73 19.94
CA LYS A 352 -15.22 -18.69 19.51
C LYS A 352 -14.30 -18.16 18.37
N PRO A 353 -12.99 -18.09 18.64
CA PRO A 353 -12.05 -17.57 17.63
C PRO A 353 -11.87 -18.58 16.50
N GLU A 354 -12.13 -18.16 15.27
CA GLU A 354 -11.97 -19.01 14.10
C GLU A 354 -11.12 -18.36 12.98
N ASN A 355 -10.59 -19.21 12.10
CA ASN A 355 -9.70 -18.79 11.00
C ASN A 355 -8.51 -17.94 11.49
N ASN A 356 -7.79 -18.51 12.45
CA ASN A 356 -6.67 -17.85 13.05
C ASN A 356 -5.53 -17.75 12.03
N SER A 357 -4.79 -16.64 12.08
CA SER A 357 -3.65 -16.38 11.18
C SER A 357 -2.60 -15.50 11.89
N LEU A 358 -1.42 -15.36 11.27
CA LEU A 358 -0.40 -14.45 11.77
C LEU A 358 -0.12 -13.37 10.71
N PHE A 359 0.39 -12.21 11.11
CA PHE A 359 0.78 -11.19 10.14
C PHE A 359 2.10 -10.55 10.56
N LEU A 360 2.83 -10.08 9.57
CA LEU A 360 4.02 -9.26 9.81
C LEU A 360 4.05 -8.13 8.79
N GLN A 361 4.29 -6.92 9.25
CA GLN A 361 4.52 -5.77 8.37
C GLN A 361 5.77 -5.01 8.81
N GLY A 362 6.54 -4.51 7.85
CA GLY A 362 7.74 -3.76 8.19
C GLY A 362 8.07 -2.75 7.10
N GLU A 363 8.72 -1.67 7.50
CA GLU A 363 9.18 -0.60 6.60
C GLU A 363 10.68 -0.76 6.49
N ARG A 364 11.17 -1.34 5.38
CA ARG A 364 12.60 -1.72 5.29
C ARG A 364 13.52 -0.55 5.46
N THR A 365 14.66 -0.79 6.10
CA THR A 365 15.76 0.21 6.14
C THR A 365 16.25 0.54 4.72
N ALA A 366 16.44 1.82 4.41
CA ALA A 366 17.08 2.18 3.14
C ALA A 366 18.49 1.54 3.09
N THR A 367 18.81 0.91 1.97
CA THR A 367 20.04 0.11 1.90
C THR A 367 21.27 0.99 2.13
N ASP A 368 21.19 2.26 1.76
CA ASP A 368 22.34 3.15 2.01
C ASP A 368 22.56 3.44 3.49
N LYS A 369 21.53 3.19 4.32
CA LYS A 369 21.59 3.35 5.77
C LYS A 369 21.92 2.07 6.55
N MET A 370 22.08 0.94 5.88
CA MET A 370 22.42 -0.30 6.59
C MET A 370 23.84 -0.16 7.14
N PRO A 371 24.06 -0.53 8.41
CA PRO A 371 25.42 -0.47 8.94
C PRO A 371 26.37 -1.27 8.05
N LYS A 372 27.57 -0.76 7.83
CA LYS A 372 28.57 -1.46 7.02
C LYS A 372 29.42 -2.43 7.85
N GLY A 373 29.26 -2.39 9.17
CA GLY A 373 29.95 -3.29 10.09
C GLY A 373 29.40 -3.22 11.50
N GLY A 374 30.04 -3.96 12.41
CA GLY A 374 29.64 -4.01 13.82
C GLY A 374 28.92 -5.31 14.16
N ASN A 375 28.88 -5.63 15.45
CA ASN A 375 28.21 -6.83 15.96
C ASN A 375 27.14 -6.43 16.95
N TYR A 376 25.92 -6.95 16.82
CA TYR A 376 24.87 -6.53 17.74
C TYR A 376 23.99 -7.67 18.20
N LYS A 377 23.36 -7.46 19.35
CA LYS A 377 22.34 -8.35 19.90
C LYS A 377 21.00 -7.73 19.61
N TYR A 378 20.03 -8.53 19.17
CA TYR A 378 18.66 -8.10 19.11
C TYR A 378 17.82 -9.01 19.99
N ILE A 379 16.85 -8.41 20.66
CA ILE A 379 15.94 -9.11 21.58
C ILE A 379 14.47 -8.73 21.30
N GLY A 380 13.60 -9.72 21.26
CA GLY A 380 12.17 -9.43 21.09
C GLY A 380 11.36 -10.64 21.47
N THR A 381 10.27 -10.85 20.73
CA THR A 381 9.35 -11.92 21.03
C THR A 381 8.75 -12.48 19.71
N TRP A 382 7.76 -13.36 19.79
CA TRP A 382 7.21 -13.95 18.60
C TRP A 382 5.80 -14.45 18.86
N ASP A 383 5.07 -14.72 17.78
CA ASP A 383 3.77 -15.39 17.76
C ASP A 383 3.91 -16.55 16.77
N ALA A 384 3.34 -17.69 17.14
CA ALA A 384 3.55 -18.91 16.38
C ALA A 384 2.52 -19.97 16.75
N GLN A 385 2.32 -20.88 15.82
CA GLN A 385 1.63 -22.12 16.10
C GLN A 385 2.40 -23.27 15.49
N VAL A 386 2.55 -24.32 16.30
CA VAL A 386 3.20 -25.54 15.84
C VAL A 386 2.21 -26.66 16.05
N SER A 387 2.04 -27.52 15.04
CA SER A 387 1.01 -28.58 15.09
C SER A 387 1.47 -29.94 14.60
N LYS A 388 1.00 -30.97 15.28
CA LYS A 388 1.20 -32.35 14.87
C LYS A 388 -0.04 -33.12 15.28
N GLU A 389 0.10 -34.09 16.19
CA GLU A 389 -1.10 -34.68 16.86
C GLU A 389 -1.74 -33.64 17.78
N ASN A 390 -0.91 -32.78 18.35
CA ASN A 390 -1.33 -31.75 19.29
C ASN A 390 -1.11 -30.35 18.70
N ASN A 391 -1.57 -29.31 19.40
CA ASN A 391 -1.20 -27.91 19.07
C ASN A 391 -0.34 -27.25 20.15
N TRP A 392 0.49 -26.28 19.74
CA TRP A 392 1.37 -25.52 20.64
C TRP A 392 1.44 -24.11 20.09
N VAL A 393 1.49 -23.11 20.97
CA VAL A 393 1.51 -21.69 20.56
C VAL A 393 2.55 -20.86 21.32
N ALA A 394 3.05 -19.86 20.61
CA ALA A 394 3.84 -18.81 21.18
C ALA A 394 2.97 -17.55 21.09
N THR A 395 2.85 -16.85 22.22
CA THR A 395 2.05 -15.63 22.26
C THR A 395 2.89 -14.46 22.77
N ALA A 396 3.09 -13.45 21.91
CA ALA A 396 3.99 -12.32 22.16
C ALA A 396 3.83 -11.76 23.58
N ASP A 397 4.96 -11.62 24.28
CA ASP A 397 4.94 -11.09 25.65
C ASP A 397 6.25 -10.34 25.94
N ASP A 398 6.30 -9.66 27.08
CA ASP A 398 7.46 -8.82 27.40
C ASP A 398 8.29 -9.30 28.60
N ASP A 399 8.04 -10.53 29.04
CA ASP A 399 8.89 -11.17 30.06
C ASP A 399 10.18 -11.68 29.41
N ARG A 400 11.20 -10.84 29.46
CA ARG A 400 12.47 -11.11 28.83
C ARG A 400 13.32 -12.19 29.51
N LYS A 401 12.87 -12.67 30.66
CA LYS A 401 13.62 -13.67 31.41
C LYS A 401 13.01 -15.04 31.17
N ALA A 402 11.68 -15.13 31.21
CA ALA A 402 11.00 -16.41 31.15
C ALA A 402 9.97 -16.54 30.02
N GLY A 403 9.73 -15.48 29.26
CA GLY A 403 8.63 -15.52 28.30
C GLY A 403 8.97 -16.17 26.96
N TYR A 404 8.19 -15.79 25.96
CA TYR A 404 8.38 -16.20 24.56
C TYR A 404 9.44 -15.30 23.94
N ARG A 405 10.69 -15.53 24.33
CA ARG A 405 11.81 -14.70 23.97
C ARG A 405 12.31 -14.98 22.54
N THR A 406 12.85 -13.95 21.90
CA THR A 406 13.69 -14.21 20.73
C THR A 406 14.97 -13.45 20.95
N GLU A 407 16.07 -13.97 20.40
CA GLU A 407 17.39 -13.34 20.49
C GLU A 407 18.08 -13.59 19.19
N PHE A 408 18.86 -12.61 18.75
CA PHE A 408 19.63 -12.71 17.52
C PHE A 408 20.98 -12.06 17.69
N ASP A 409 22.01 -12.70 17.14
CA ASP A 409 23.33 -12.12 16.99
C ASP A 409 23.47 -11.72 15.54
N VAL A 410 23.83 -10.46 15.33
CA VAL A 410 23.88 -9.91 13.99
C VAL A 410 25.30 -9.38 13.78
N ASP A 411 25.92 -9.89 12.73
CA ASP A 411 27.25 -9.46 12.35
C ASP A 411 27.12 -8.78 10.99
N PHE A 412 27.00 -7.46 10.99
CA PHE A 412 26.92 -6.70 9.71
C PHE A 412 28.20 -6.80 8.85
N GLY A 413 29.36 -6.83 9.52
CA GLY A 413 30.65 -6.96 8.83
C GLY A 413 30.72 -8.17 7.91
N ASN A 414 30.42 -9.33 8.48
CA ASN A 414 30.44 -10.58 7.72
C ASN A 414 29.09 -10.99 7.12
N LYS A 415 28.08 -10.13 7.26
CA LYS A 415 26.76 -10.36 6.66
C LYS A 415 26.07 -11.61 7.25
N ASN A 416 26.17 -11.77 8.56
CA ASN A 416 25.69 -12.98 9.21
C ASN A 416 24.70 -12.69 10.29
N LEU A 417 23.71 -13.58 10.41
CA LEU A 417 22.71 -13.45 11.44
C LEU A 417 22.40 -14.85 11.91
N SER A 418 22.25 -15.00 13.24
CA SER A 418 21.68 -16.21 13.82
C SER A 418 20.70 -15.88 14.93
N GLY A 419 19.82 -16.81 15.26
CA GLY A 419 18.80 -16.51 16.22
C GLY A 419 18.29 -17.68 17.00
N LYS A 420 17.54 -17.36 18.05
CA LYS A 420 16.97 -18.33 18.95
C LYS A 420 15.56 -17.92 19.27
N LEU A 421 14.62 -18.87 19.22
CA LEU A 421 13.25 -18.55 19.60
C LEU A 421 12.82 -19.51 20.67
N PHE A 422 12.25 -18.97 21.76
CA PHE A 422 12.04 -19.73 23.01
C PHE A 422 10.58 -19.95 23.33
N ASP A 423 10.30 -21.11 23.94
CA ASP A 423 9.03 -21.35 24.62
C ASP A 423 9.08 -20.66 25.99
N LYS A 424 7.91 -20.37 26.56
CA LYS A 424 7.89 -19.77 27.91
C LYS A 424 8.49 -20.81 28.93
N ASN A 425 9.33 -20.32 29.85
CA ASN A 425 10.07 -21.18 30.81
C ASN A 425 11.08 -22.14 30.17
N GLY A 426 11.35 -21.96 28.88
CA GLY A 426 12.18 -22.90 28.14
C GLY A 426 13.65 -22.65 28.45
N VAL A 427 14.38 -23.74 28.68
CA VAL A 427 15.82 -23.66 28.91
C VAL A 427 16.54 -23.44 27.59
N ASN A 428 16.26 -24.31 26.63
CA ASN A 428 16.87 -24.22 25.32
C ASN A 428 15.82 -23.74 24.29
N PRO A 429 16.27 -23.08 23.21
CA PRO A 429 15.21 -22.58 22.32
C PRO A 429 14.59 -23.71 21.54
N VAL A 430 13.31 -23.55 21.18
CA VAL A 430 12.67 -24.53 20.36
C VAL A 430 13.07 -24.44 18.88
N PHE A 431 13.40 -23.22 18.41
CA PHE A 431 13.91 -23.06 17.05
C PHE A 431 15.19 -22.25 17.07
N THR A 432 16.11 -22.58 16.18
CA THR A 432 17.22 -21.71 15.87
C THR A 432 17.13 -21.30 14.40
N VAL A 433 17.78 -20.18 14.08
CA VAL A 433 17.83 -19.63 12.75
C VAL A 433 19.27 -19.35 12.33
N ASP A 434 19.61 -19.63 11.08
CA ASP A 434 20.92 -19.29 10.53
C ASP A 434 20.82 -18.81 9.07
N PRO A 435 21.15 -17.54 8.82
CA PRO A 435 21.05 -16.99 7.46
C PRO A 435 22.12 -15.95 7.10
N LYS A 436 21.98 -15.38 5.90
CA LYS A 436 22.86 -14.37 5.39
C LYS A 436 22.06 -13.08 5.21
N ILE A 437 22.73 -11.98 5.38
CA ILE A 437 22.20 -10.64 5.21
C ILE A 437 22.58 -10.16 3.81
N ASP A 438 21.60 -9.74 3.02
CA ASP A 438 21.85 -9.14 1.73
C ASP A 438 21.14 -7.79 1.69
N GLY A 439 21.88 -6.69 1.55
CA GLY A 439 21.26 -5.35 1.64
C GLY A 439 20.42 -5.17 2.91
N ASN A 440 19.14 -4.83 2.78
CA ASN A 440 18.29 -4.58 3.98
C ASN A 440 17.45 -5.78 4.44
N GLY A 441 17.84 -6.98 4.01
CA GLY A 441 17.08 -8.15 4.39
C GLY A 441 17.99 -9.34 4.67
N PHE A 442 17.40 -10.44 5.11
CA PHE A 442 18.12 -11.67 5.37
C PHE A 442 17.25 -12.87 5.03
N THR A 443 17.89 -14.00 4.73
CA THR A 443 17.17 -15.24 4.41
C THR A 443 18.07 -16.38 4.83
N GLY A 444 17.46 -17.49 5.17
CA GLY A 444 18.19 -18.60 5.69
C GLY A 444 17.23 -19.69 6.05
N LYS A 445 17.52 -20.39 7.14
CA LYS A 445 16.83 -21.63 7.49
C LYS A 445 16.51 -21.67 8.97
N ALA A 446 15.35 -22.25 9.30
CA ALA A 446 15.00 -22.52 10.68
C ALA A 446 15.00 -24.04 10.91
N LYS A 447 15.37 -24.45 12.13
CA LYS A 447 15.34 -25.87 12.51
C LYS A 447 15.13 -26.01 14.01
N THR A 448 14.78 -27.23 14.41
CA THR A 448 14.76 -27.57 15.83
C THR A 448 16.09 -28.22 16.15
N SER A 449 16.34 -28.45 17.43
CA SER A 449 17.44 -29.29 17.87
C SER A 449 17.33 -30.70 17.23
N ASP A 450 18.36 -31.54 17.42
CA ASP A 450 18.27 -32.90 16.89
C ASP A 450 17.08 -33.67 17.51
N ALA A 451 16.87 -33.58 18.83
CA ALA A 451 15.74 -34.26 19.47
C ALA A 451 14.37 -33.58 19.29
N GLY A 452 14.36 -32.33 18.82
CA GLY A 452 13.08 -31.62 18.62
C GLY A 452 12.46 -31.28 19.98
N PHE A 453 11.18 -30.95 20.00
CA PHE A 453 10.50 -30.60 21.23
C PHE A 453 9.10 -31.16 21.30
N ALA A 454 8.61 -31.29 22.54
CA ALA A 454 7.31 -31.92 22.82
C ALA A 454 6.21 -30.87 22.73
N LEU A 455 5.14 -31.18 21.99
CA LEU A 455 4.06 -30.21 21.79
C LEU A 455 3.16 -30.00 23.01
N ASP A 456 2.94 -31.06 23.78
CA ASP A 456 2.31 -30.92 25.09
C ASP A 456 3.35 -31.10 26.19
N SER A 457 3.64 -30.01 26.91
CA SER A 457 4.71 -29.98 27.91
C SER A 457 4.37 -30.80 29.17
N GLY A 458 3.12 -31.29 29.24
CA GLY A 458 2.66 -32.17 30.31
C GLY A 458 2.64 -33.68 30.02
N SER A 459 2.31 -34.07 28.78
CA SER A 459 2.22 -35.50 28.41
C SER A 459 3.48 -35.98 27.67
N SER A 460 3.87 -37.25 27.90
CA SER A 460 4.97 -37.86 27.12
C SER A 460 4.39 -38.67 25.94
N ARG A 461 3.14 -38.34 25.66
CA ARG A 461 2.28 -39.02 24.73
C ARG A 461 2.78 -39.19 23.28
N TYR A 462 3.34 -38.16 22.66
CA TYR A 462 3.73 -38.25 21.22
C TYR A 462 5.22 -38.02 20.97
N GLU A 463 5.72 -38.41 19.79
CA GLU A 463 7.10 -38.08 19.45
C GLU A 463 7.24 -36.55 19.44
N ASN A 464 8.44 -36.06 19.75
CA ASN A 464 8.73 -34.63 19.61
C ASN A 464 8.63 -34.19 18.16
N VAL A 465 8.12 -32.99 17.91
CA VAL A 465 8.20 -32.43 16.56
C VAL A 465 9.66 -32.09 16.23
N LYS A 466 10.03 -32.33 14.97
CA LYS A 466 11.35 -31.91 14.44
C LYS A 466 11.19 -31.15 13.13
N PHE A 467 12.03 -30.12 12.94
CA PHE A 467 12.07 -29.38 11.69
C PHE A 467 13.51 -29.19 11.24
N ASN A 468 13.76 -29.38 9.95
CA ASN A 468 15.01 -28.97 9.33
C ASN A 468 14.82 -28.22 8.02
N ASP A 469 15.75 -27.31 7.70
CA ASP A 469 15.78 -26.64 6.39
C ASP A 469 14.46 -25.88 6.03
N VAL A 470 13.77 -25.36 7.06
CA VAL A 470 12.59 -24.49 6.86
C VAL A 470 13.02 -23.10 6.46
N ALA A 471 12.51 -22.62 5.33
CA ALA A 471 12.90 -21.31 4.81
C ALA A 471 12.49 -20.23 5.81
N VAL A 472 13.43 -19.33 6.09
CA VAL A 472 13.13 -18.16 6.91
C VAL A 472 13.55 -16.98 6.10
N SER A 473 12.76 -15.92 6.12
CA SER A 473 13.19 -14.69 5.49
C SER A 473 12.65 -13.49 6.27
N GLY A 474 13.33 -12.35 6.16
CA GLY A 474 12.93 -11.17 6.91
C GLY A 474 13.77 -9.96 6.55
N GLY A 475 13.65 -8.91 7.35
CA GLY A 475 14.34 -7.70 7.05
C GLY A 475 14.74 -6.86 8.24
N PHE A 476 15.47 -5.80 7.92
CA PHE A 476 15.83 -4.75 8.85
C PHE A 476 14.93 -3.55 8.58
N TYR A 477 14.40 -2.94 9.65
CA TYR A 477 13.39 -1.91 9.52
C TYR A 477 13.78 -0.64 10.25
N GLY A 478 13.38 0.49 9.68
CA GLY A 478 13.72 1.80 10.25
C GLY A 478 15.06 2.38 9.81
N PRO A 479 15.33 3.64 10.19
CA PRO A 479 16.41 4.43 9.61
C PRO A 479 17.81 3.90 9.92
N THR A 480 17.94 3.12 10.99
CA THR A 480 19.26 2.70 11.43
C THR A 480 19.34 1.16 11.54
N ALA A 481 18.31 0.47 11.03
CA ALA A 481 18.22 -1.00 11.15
C ALA A 481 18.22 -1.50 12.59
N ALA A 482 17.67 -0.68 13.50
CA ALA A 482 17.59 -1.00 14.91
C ALA A 482 16.48 -1.99 15.23
N GLU A 483 15.65 -2.31 14.23
CA GLU A 483 14.60 -3.32 14.38
C GLU A 483 14.76 -4.36 13.30
N LEU A 484 14.46 -5.60 13.64
CA LEU A 484 14.44 -6.69 12.63
C LEU A 484 13.24 -7.57 12.87
N GLY A 485 12.82 -8.27 11.81
CA GLY A 485 11.69 -9.18 11.92
C GLY A 485 11.70 -10.17 10.77
N GLY A 486 10.89 -11.21 10.86
CA GLY A 486 10.78 -12.16 9.75
C GLY A 486 9.80 -13.26 10.06
N GLN A 487 9.77 -14.26 9.19
CA GLN A 487 8.72 -15.27 9.27
C GLN A 487 9.18 -16.55 8.63
N PHE A 488 8.58 -17.63 9.06
CA PHE A 488 8.81 -18.90 8.42
C PHE A 488 7.56 -19.72 8.58
N HIS A 489 7.34 -20.62 7.63
CA HIS A 489 6.23 -21.56 7.74
C HIS A 489 6.55 -22.86 6.99
N HIS A 490 5.89 -23.91 7.38
CA HIS A 490 6.15 -25.21 6.79
C HIS A 490 4.98 -26.12 7.12
N LYS A 491 4.72 -27.07 6.22
CA LYS A 491 3.63 -28.01 6.42
C LYS A 491 4.00 -29.34 5.80
N SER A 492 3.89 -30.41 6.58
CA SER A 492 4.04 -31.78 6.08
C SER A 492 3.43 -32.74 7.07
N GLU A 493 3.54 -34.03 6.79
CA GLU A 493 3.05 -35.09 7.66
C GLU A 493 3.80 -35.11 9.03
N ASN A 494 5.08 -34.71 8.99
CA ASN A 494 5.96 -34.64 10.17
C ASN A 494 5.80 -33.38 11.02
N GLY A 495 4.77 -32.60 10.74
CA GLY A 495 4.46 -31.42 11.57
C GLY A 495 4.35 -30.14 10.78
N SER A 496 3.66 -29.17 11.33
CA SER A 496 3.43 -27.86 10.68
C SER A 496 3.88 -26.72 11.60
N VAL A 497 4.31 -25.62 11.00
CA VAL A 497 4.57 -24.39 11.79
C VAL A 497 4.28 -23.12 11.00
N GLY A 498 3.82 -22.10 11.71
CA GLY A 498 3.74 -20.73 11.21
C GLY A 498 4.26 -19.83 12.33
N ALA A 499 5.15 -18.88 12.00
CA ALA A 499 5.81 -18.14 13.04
C ALA A 499 6.12 -16.75 12.50
N VAL A 500 5.85 -15.72 13.30
CA VAL A 500 6.33 -14.36 12.97
C VAL A 500 7.09 -13.80 14.16
N PHE A 501 8.16 -13.07 13.90
CA PHE A 501 8.98 -12.55 15.00
C PHE A 501 9.49 -11.13 14.77
N GLY A 502 9.86 -10.46 15.87
CA GLY A 502 10.42 -9.13 15.78
C GLY A 502 11.37 -8.91 16.97
N ALA A 503 12.37 -8.06 16.79
CA ALA A 503 13.40 -7.83 17.82
C ALA A 503 14.03 -6.44 17.70
N LYS A 504 14.40 -5.87 18.84
CA LYS A 504 14.99 -4.53 18.90
C LYS A 504 16.47 -4.67 19.20
N GLN A 505 17.31 -3.89 18.52
CA GLN A 505 18.76 -3.80 18.80
C GLN A 505 18.95 -3.44 20.28
N GLN A 506 19.99 -4.01 20.88
CA GLN A 506 20.29 -3.84 22.29
C GLN A 506 21.56 -3.02 22.48
N VAL A 507 21.69 -2.43 23.66
CA VAL A 507 22.97 -1.85 24.08
C VAL A 507 23.28 -2.46 25.47
N LYS A 508 24.57 -2.63 25.78
CA LYS A 508 24.97 -3.16 27.10
C LYS A 508 24.80 -2.15 28.27
N LYS A 509 25.24 -2.58 29.46
CA LYS A 509 25.14 -1.77 30.70
C LYS A 509 23.68 -1.53 31.11
#